data_4TZ6
#
_entry.id   4TZ6
#
_cell.length_a   89.757
_cell.length_b   126.506
_cell.length_c   55.510
_cell.angle_alpha   90.00
_cell.angle_beta   90.00
_cell.angle_gamma   90.00
#
_symmetry.space_group_name_H-M   'P 21 21 2'
#
loop_
_entity.id
_entity.type
_entity.pdbx_description
1 polymer 'ATP-dependent RNA helicase MSS116, mitochondrial'
2 polymer "RNA (5'-R(P*AP*AP*AP*AP*AP*AP*A)-3')"
3 non-polymer 'BERYLLIUM TRIFLUORIDE ION'
4 non-polymer "URIDINE-5'-DIPHOSPHATE"
5 non-polymer 'MAGNESIUM ION'
#
loop_
_entity_poly.entity_id
_entity_poly.type
_entity_poly.pdbx_seq_one_letter_code
_entity_poly.pdbx_strand_id
1 'polypeptide(L)'
;SKLIHVPKEDNSKEVTLDSLLEEGVLDKEIHKAITRMEFPGLTPVQQKTIKPILSSEDHDVIARAKTGTGKTFAFLIPIF
QHLINTKFDSQYMVKAVIVAPTRDLALQIEAEVKKIHDMNYGLKKYACVSLVGGTDFRAAMNKMNKLRPNIVIATPGRLI
DVLEKYSNKFFRFVDYKVLDEADRLLEIGFRDDLETISGILNEKNSKSADNIKTLLFSATLDDKVQKLANNIMNKKECLF
LDTVDKNEPEAHERIDQSVVISEKFANSIFAAVEHIKKQIKERDSNYKAIIFAPTVKFTSFLCSILKNEFKKDLPILEFH
GKITQNKRTSLVKRFKKDESGILVCTDVGARGMDFPNVHEVLQIGVPSELANYIHRIGRTARSGKEGSSVLFICKDELPF
VRELEDAKNIVIAKQEKYEPSEEIKSEVLEAVTEEPEDISDIVISLISSYRSCIKEYRFSERRILPEIASTYGVLLNDPQ
LKIPVSRRFLDKLGLSRSPIGKAMFEIRD
;
A
2 'polyribonucleotide' AAAAAAA B
#
loop_
_chem_comp.id
_chem_comp.type
_chem_comp.name
_chem_comp.formula
A RNA linking ADENOSINE-5'-MONOPHOSPHATE 'C10 H14 N5 O7 P'
BEF non-polymer 'BERYLLIUM TRIFLUORIDE ION' 'Be F3 -1'
MG non-polymer 'MAGNESIUM ION' 'Mg 2'
UDP RNA linking URIDINE-5'-DIPHOSPHATE 'C9 H14 N2 O12 P2'
#
# COMPACT_ATOMS: atom_id res chain seq x y z
N SER A 1 24.76 2.68 13.62
CA SER A 1 24.98 1.53 14.49
C SER A 1 23.89 1.47 15.55
N LYS A 2 23.60 0.28 16.12
CA LYS A 2 24.22 -1.00 15.77
C LYS A 2 23.17 -1.97 15.23
N LEU A 3 23.36 -2.40 13.99
CA LEU A 3 22.38 -3.24 13.30
C LEU A 3 22.81 -4.71 13.31
N ILE A 4 22.08 -5.53 14.07
CA ILE A 4 22.34 -6.96 14.15
C ILE A 4 21.39 -7.77 13.27
N HIS A 5 21.96 -8.56 12.35
CA HIS A 5 21.16 -9.36 11.42
C HIS A 5 20.81 -10.73 11.99
N VAL A 6 19.60 -11.19 11.68
CA VAL A 6 19.14 -12.53 12.04
C VAL A 6 18.39 -13.15 10.86
N PRO A 7 19.12 -13.66 9.86
CA PRO A 7 18.53 -14.21 8.64
C PRO A 7 17.56 -15.37 8.88
N LYS A 8 16.76 -15.67 7.85
CA LYS A 8 15.83 -16.79 7.92
C LYS A 8 16.58 -18.13 7.95
N GLU A 9 16.52 -18.80 9.10
CA GLU A 9 17.17 -20.10 9.26
C GLU A 9 16.14 -21.22 9.19
N GLU A 14 10.07 -24.04 16.24
CA GLU A 14 8.65 -23.75 16.14
C GLU A 14 8.17 -23.04 17.41
N VAL A 15 7.37 -22.00 17.22
CA VAL A 15 6.78 -21.25 18.33
C VAL A 15 5.26 -21.28 18.23
N THR A 16 4.59 -21.37 19.39
CA THR A 16 3.13 -21.54 19.43
C THR A 16 2.52 -20.74 20.57
N LEU A 17 1.24 -20.39 20.42
CA LEU A 17 0.51 -19.65 21.44
C LEU A 17 0.53 -20.36 22.78
N ASP A 18 0.30 -21.68 22.77
CA ASP A 18 0.34 -22.47 24.00
C ASP A 18 1.73 -22.42 24.64
N SER A 19 2.75 -22.57 23.80
CA SER A 19 4.13 -22.50 24.28
C SER A 19 4.44 -21.13 24.87
N LEU A 20 3.99 -20.08 24.18
CA LEU A 20 4.17 -18.71 24.67
C LEU A 20 3.40 -18.49 25.97
N LEU A 21 2.27 -19.18 26.12
CA LEU A 21 1.50 -19.06 27.35
C LEU A 21 2.25 -19.73 28.50
N GLU A 22 2.66 -20.97 28.29
CA GLU A 22 3.34 -21.75 29.31
C GLU A 22 4.72 -21.18 29.63
N GLU A 23 5.35 -20.58 28.63
CA GLU A 23 6.67 -19.97 28.81
C GLU A 23 6.58 -18.70 29.65
N GLY A 24 5.37 -18.12 29.72
CA GLY A 24 5.11 -16.98 30.58
C GLY A 24 5.23 -15.63 29.90
N VAL A 25 5.46 -15.65 28.58
CA VAL A 25 5.59 -14.39 27.83
C VAL A 25 4.23 -13.75 27.55
N LEU A 26 3.22 -14.57 27.29
CA LEU A 26 1.88 -14.07 26.95
C LEU A 26 0.82 -14.47 27.98
N ASP A 27 -0.14 -13.58 28.21
CA ASP A 27 -1.22 -13.81 29.16
C ASP A 27 -2.34 -14.64 28.53
N LYS A 28 -3.19 -15.22 29.36
CA LYS A 28 -4.29 -16.07 28.89
C LYS A 28 -5.34 -15.28 28.11
N GLU A 29 -5.49 -14.00 28.44
CA GLU A 29 -6.52 -13.16 27.83
C GLU A 29 -6.25 -12.96 26.33
N ILE A 30 -4.99 -12.69 25.98
CA ILE A 30 -4.62 -12.51 24.58
C ILE A 30 -4.52 -13.87 23.88
N HIS A 31 -4.07 -14.88 24.60
CA HIS A 31 -3.98 -16.23 24.06
C HIS A 31 -5.37 -16.73 23.64
N LYS A 32 -6.36 -16.43 24.47
CA LYS A 32 -7.74 -16.76 24.17
C LYS A 32 -8.20 -16.01 22.92
N ALA A 33 -7.78 -14.74 22.82
CA ALA A 33 -8.15 -13.90 21.69
C ALA A 33 -7.61 -14.43 20.38
N ILE A 34 -6.32 -14.76 20.34
CA ILE A 34 -5.71 -15.21 19.09
C ILE A 34 -6.13 -16.65 18.75
N THR A 35 -6.32 -17.48 19.78
CA THR A 35 -6.73 -18.87 19.55
C THR A 35 -8.15 -18.96 19.00
N ARG A 36 -9.03 -18.06 19.44
CA ARG A 36 -10.44 -18.10 19.01
C ARG A 36 -10.59 -17.71 17.54
N MET A 37 -9.58 -17.08 16.97
CA MET A 37 -9.62 -16.68 15.57
C MET A 37 -9.36 -17.87 14.65
N GLU A 38 -8.90 -18.96 15.24
CA GLU A 38 -8.78 -20.25 14.54
C GLU A 38 -7.85 -20.20 13.33
N PHE A 39 -6.73 -19.49 13.46
CA PHE A 39 -5.69 -19.57 12.45
C PHE A 39 -4.95 -20.89 12.63
N PRO A 40 -4.40 -21.44 11.53
CA PRO A 40 -3.71 -22.73 11.65
C PRO A 40 -2.50 -22.66 12.59
N GLY A 41 -1.84 -21.52 12.60
CA GLY A 41 -0.69 -21.31 13.46
C GLY A 41 0.04 -20.03 13.12
N LEU A 42 0.77 -19.49 14.10
CA LEU A 42 1.50 -18.24 13.91
C LEU A 42 2.43 -18.28 12.70
N THR A 43 2.46 -17.18 11.96
CA THR A 43 3.33 -17.06 10.81
C THR A 43 4.79 -16.95 11.27
N PRO A 44 5.75 -17.24 10.38
CA PRO A 44 7.16 -17.22 10.74
C PRO A 44 7.61 -15.92 11.40
N VAL A 45 7.16 -14.80 10.84
CA VAL A 45 7.55 -13.50 11.37
C VAL A 45 7.02 -13.32 12.80
N GLN A 46 5.77 -13.73 13.04
CA GLN A 46 5.20 -13.64 14.39
C GLN A 46 6.01 -14.48 15.37
N GLN A 47 6.36 -15.69 14.94
CA GLN A 47 7.22 -16.56 15.75
C GLN A 47 8.58 -15.92 15.97
N LYS A 48 9.06 -15.17 14.98
CA LYS A 48 10.40 -14.59 15.01
C LYS A 48 10.42 -13.15 15.57
N THR A 49 9.24 -12.56 15.77
CA THR A 49 9.14 -11.16 16.19
C THR A 49 8.61 -10.92 17.60
N ILE A 50 7.68 -11.75 18.05
CA ILE A 50 6.97 -11.47 19.31
C ILE A 50 7.95 -11.33 20.48
N LYS A 51 8.64 -12.40 20.84
CA LYS A 51 9.50 -12.39 22.03
C LYS A 51 10.60 -11.31 22.00
N PRO A 52 11.28 -11.13 20.86
CA PRO A 52 12.31 -10.07 20.87
C PRO A 52 11.75 -8.67 21.08
N ILE A 53 10.50 -8.46 20.67
CA ILE A 53 9.88 -7.15 20.80
C ILE A 53 9.57 -6.82 22.27
N LEU A 54 9.20 -7.82 23.07
CA LEU A 54 8.92 -7.59 24.49
C LEU A 54 10.18 -7.51 25.33
N SER A 55 11.32 -7.83 24.72
CA SER A 55 12.59 -7.82 25.44
C SER A 55 12.93 -6.38 25.86
N SER A 56 12.83 -6.13 27.16
CA SER A 56 12.98 -4.79 27.71
C SER A 56 14.32 -4.13 27.36
N GLU A 57 15.28 -4.94 26.92
CA GLU A 57 16.61 -4.45 26.59
C GLU A 57 16.58 -3.33 25.56
N ASP A 58 17.65 -2.54 25.55
CA ASP A 58 17.72 -1.37 24.69
C ASP A 58 17.97 -1.74 23.23
N HIS A 59 16.91 -2.12 22.52
CA HIS A 59 17.03 -2.50 21.12
C HIS A 59 15.76 -2.20 20.32
N ASP A 60 15.97 -1.82 19.05
CA ASP A 60 14.88 -1.58 18.11
C ASP A 60 14.68 -2.83 17.25
N VAL A 61 13.57 -2.88 16.52
CA VAL A 61 13.24 -4.05 15.71
C VAL A 61 12.88 -3.67 14.27
N ILE A 62 13.57 -4.29 13.33
CA ILE A 62 13.24 -4.20 11.92
C ILE A 62 12.85 -5.60 11.46
N ALA A 63 11.71 -5.70 10.77
CA ALA A 63 11.20 -6.99 10.35
C ALA A 63 10.78 -6.98 8.88
N ARG A 64 11.37 -7.87 8.09
CA ARG A 64 10.98 -8.07 6.69
C ARG A 64 10.28 -9.41 6.52
N ALA A 65 9.06 -9.37 6.00
CA ALA A 65 8.29 -10.57 5.73
C ALA A 65 7.43 -10.38 4.50
N LYS A 66 7.28 -11.41 3.68
CA LYS A 66 6.55 -11.31 2.43
C LYS A 66 5.09 -10.92 2.67
N THR A 67 4.42 -10.46 1.61
CA THR A 67 3.05 -9.98 1.69
C THR A 67 2.06 -11.08 2.10
N GLY A 68 1.07 -10.69 2.90
CA GLY A 68 0.01 -11.60 3.30
C GLY A 68 0.42 -12.61 4.36
N THR A 69 1.54 -12.36 5.02
CA THR A 69 2.09 -13.29 6.00
C THR A 69 1.90 -12.81 7.45
N GLY A 70 0.91 -11.94 7.66
CA GLY A 70 0.47 -11.59 9.00
C GLY A 70 1.45 -10.78 9.86
N LYS A 71 1.94 -9.67 9.32
CA LYS A 71 2.81 -8.75 10.05
C LYS A 71 2.04 -7.89 11.03
N THR A 72 0.75 -7.70 10.77
CA THR A 72 -0.06 -6.84 11.61
C THR A 72 -0.13 -7.38 13.05
N PHE A 73 -0.49 -8.66 13.19
CA PHE A 73 -0.53 -9.27 14.50
C PHE A 73 0.88 -9.47 15.07
N ALA A 74 1.89 -9.42 14.20
CA ALA A 74 3.27 -9.57 14.64
C ALA A 74 3.70 -8.42 15.53
N PHE A 75 3.04 -7.27 15.42
CA PHE A 75 3.31 -6.14 16.32
C PHE A 75 2.08 -5.77 17.15
N LEU A 76 0.90 -6.29 16.80
CA LEU A 76 -0.29 -6.06 17.62
C LEU A 76 -0.31 -6.96 18.84
N ILE A 77 0.17 -8.19 18.70
CA ILE A 77 0.20 -9.12 19.83
C ILE A 77 1.16 -8.60 20.91
N PRO A 78 2.40 -8.23 20.53
CA PRO A 78 3.31 -7.68 21.54
C PRO A 78 2.79 -6.40 22.20
N ILE A 79 2.16 -5.51 21.42
CA ILE A 79 1.60 -4.28 21.98
C ILE A 79 0.61 -4.62 23.09
N PHE A 80 -0.35 -5.50 22.78
CA PHE A 80 -1.35 -5.90 23.75
C PHE A 80 -0.71 -6.54 24.98
N GLN A 81 0.28 -7.40 24.75
CA GLN A 81 0.97 -8.05 25.86
C GLN A 81 1.70 -7.01 26.71
N HIS A 82 2.31 -6.03 26.04
CA HIS A 82 2.97 -4.95 26.77
C HIS A 82 1.95 -4.22 27.62
N LEU A 83 0.80 -3.90 27.03
CA LEU A 83 -0.26 -3.19 27.74
C LEU A 83 -0.76 -3.98 28.93
N ILE A 84 -0.79 -5.30 28.80
CA ILE A 84 -1.17 -6.19 29.88
C ILE A 84 -0.15 -6.08 31.02
N ASN A 85 1.13 -6.28 30.70
CA ASN A 85 2.19 -6.25 31.71
C ASN A 85 2.63 -4.84 32.10
N THR A 86 1.77 -3.84 31.85
CA THR A 86 2.00 -2.49 32.34
C THR A 86 0.68 -1.86 32.79
N LYS A 87 -0.31 -2.72 33.03
CA LYS A 87 -1.70 -2.31 33.19
C LYS A 87 -1.98 -1.32 34.32
N PHE A 88 -1.12 -1.28 35.34
CA PHE A 88 -1.35 -0.41 36.50
C PHE A 88 -0.52 0.88 36.47
N ASP A 89 0.04 1.21 35.31
CA ASP A 89 0.81 2.45 35.14
C ASP A 89 0.36 3.21 33.91
N SER A 90 0.01 4.48 34.10
CA SER A 90 -0.34 5.41 33.02
C SER A 90 -1.65 5.06 32.31
N GLN A 91 -2.23 3.91 32.66
CA GLN A 91 -3.55 3.44 32.20
C GLN A 91 -4.29 4.27 31.16
N TYR A 92 -4.52 5.55 31.46
CA TYR A 92 -5.34 6.41 30.61
C TYR A 92 -4.48 7.20 29.62
N MET A 93 -3.28 6.70 29.36
CA MET A 93 -2.34 7.36 28.46
C MET A 93 -1.96 6.46 27.29
N VAL A 94 -1.62 7.08 26.16
CA VAL A 94 -1.22 6.33 24.97
C VAL A 94 0.15 5.70 25.22
N LYS A 95 0.23 4.39 25.00
CA LYS A 95 1.47 3.64 25.22
C LYS A 95 2.02 3.08 23.91
N ALA A 96 1.19 3.09 22.87
CA ALA A 96 1.61 2.61 21.55
C ALA A 96 1.02 3.48 20.44
N VAL A 97 1.89 3.98 19.57
CA VAL A 97 1.48 4.80 18.43
C VAL A 97 1.83 4.08 17.12
N ILE A 98 0.81 3.77 16.33
CA ILE A 98 1.00 3.08 15.06
C ILE A 98 0.73 4.03 13.91
N VAL A 99 1.72 4.16 13.02
CA VAL A 99 1.62 5.05 11.87
C VAL A 99 1.56 4.25 10.58
N ALA A 100 0.65 4.65 9.69
CA ALA A 100 0.50 4.00 8.39
C ALA A 100 0.48 5.03 7.26
N PRO A 101 0.95 4.65 6.06
CA PRO A 101 1.03 5.59 4.94
C PRO A 101 -0.32 5.96 4.32
N THR A 102 -1.37 5.17 4.56
CA THR A 102 -2.70 5.50 4.05
C THR A 102 -3.76 5.35 5.13
N ARG A 103 -4.82 6.14 5.01
CA ARG A 103 -5.90 6.14 5.98
C ARG A 103 -6.54 4.77 6.11
N ASP A 104 -6.81 4.14 4.96
CA ASP A 104 -7.55 2.89 4.93
C ASP A 104 -6.78 1.78 5.64
N LEU A 105 -5.46 1.82 5.53
CA LEU A 105 -4.61 0.83 6.20
C LEU A 105 -4.65 1.05 7.71
N ALA A 106 -4.62 2.31 8.12
CA ALA A 106 -4.73 2.65 9.54
C ALA A 106 -6.07 2.18 10.10
N LEU A 107 -7.13 2.42 9.34
CA LEU A 107 -8.47 2.02 9.74
C LEU A 107 -8.58 0.49 9.73
N GLN A 108 -7.84 -0.15 8.83
CA GLN A 108 -7.79 -1.60 8.78
C GLN A 108 -7.14 -2.15 10.04
N ILE A 109 -6.00 -1.58 10.41
CA ILE A 109 -5.30 -1.98 11.63
C ILE A 109 -6.20 -1.77 12.85
N GLU A 110 -6.92 -0.65 12.87
CA GLU A 110 -7.86 -0.40 13.96
C GLU A 110 -8.91 -1.50 13.99
N ALA A 111 -9.43 -1.86 12.83
CA ALA A 111 -10.44 -2.92 12.71
C ALA A 111 -9.88 -4.25 13.22
N GLU A 112 -8.59 -4.48 12.98
CA GLU A 112 -7.95 -5.70 13.46
C GLU A 112 -7.85 -5.68 14.99
N VAL A 113 -7.58 -4.51 15.55
CA VAL A 113 -7.54 -4.35 17.01
C VAL A 113 -8.94 -4.59 17.58
N LYS A 114 -9.96 -4.11 16.88
CA LYS A 114 -11.33 -4.30 17.33
C LYS A 114 -11.75 -5.76 17.11
N LYS A 115 -11.11 -6.41 16.15
CA LYS A 115 -11.28 -7.85 15.94
C LYS A 115 -10.68 -8.61 17.13
N ILE A 116 -9.54 -8.13 17.62
CA ILE A 116 -8.93 -8.71 18.82
C ILE A 116 -9.84 -8.47 20.03
N HIS A 117 -10.43 -7.28 20.08
CA HIS A 117 -11.34 -6.93 21.16
C HIS A 117 -12.58 -7.83 21.18
N ASP A 118 -13.16 -8.06 20.01
CA ASP A 118 -14.41 -8.82 19.92
C ASP A 118 -14.23 -10.29 20.28
N MET A 119 -13.01 -10.79 20.18
CA MET A 119 -12.73 -12.19 20.52
C MET A 119 -12.53 -12.36 22.03
N ASN A 120 -12.28 -11.26 22.74
CA ASN A 120 -12.14 -11.29 24.20
C ASN A 120 -12.43 -9.92 24.79
N TYR A 121 -13.62 -9.78 25.38
CA TYR A 121 -14.06 -8.52 25.94
C TYR A 121 -13.16 -8.04 27.08
N GLY A 122 -12.37 -8.96 27.64
CA GLY A 122 -11.46 -8.62 28.72
C GLY A 122 -10.37 -7.67 28.28
N LEU A 123 -10.11 -7.62 26.98
CA LEU A 123 -9.07 -6.78 26.41
C LEU A 123 -9.60 -5.41 25.97
N LYS A 124 -10.90 -5.21 26.09
CA LYS A 124 -11.52 -3.96 25.66
C LYS A 124 -11.13 -2.78 26.57
N LYS A 125 -10.69 -3.08 27.79
CA LYS A 125 -10.23 -2.04 28.71
C LYS A 125 -9.05 -1.30 28.11
N TYR A 126 -8.30 -1.98 27.26
CA TYR A 126 -7.18 -1.37 26.54
C TYR A 126 -7.71 -0.76 25.25
N ALA A 127 -8.38 0.38 25.40
CA ALA A 127 -9.13 0.98 24.29
C ALA A 127 -8.21 1.41 23.16
N CYS A 128 -8.82 1.64 22.00
CA CYS A 128 -8.07 2.01 20.80
C CYS A 128 -8.78 3.11 20.02
N VAL A 129 -8.01 4.04 19.47
CA VAL A 129 -8.56 5.13 18.68
C VAL A 129 -7.71 5.35 17.43
N SER A 130 -8.38 5.51 16.30
CA SER A 130 -7.70 5.81 15.05
C SER A 130 -7.70 7.32 14.78
N LEU A 131 -6.58 7.83 14.29
CA LEU A 131 -6.43 9.26 14.01
C LEU A 131 -6.00 9.48 12.56
N VAL A 132 -6.98 9.67 11.68
CA VAL A 132 -6.72 9.80 10.26
C VAL A 132 -7.44 11.01 9.66
N GLY A 133 -6.96 11.48 8.53
CA GLY A 133 -7.60 12.57 7.81
C GLY A 133 -8.92 12.15 7.21
N GLY A 134 -9.73 13.13 6.82
CA GLY A 134 -11.02 12.87 6.21
C GLY A 134 -12.09 12.50 7.23
N THR A 135 -11.73 12.58 8.51
CA THR A 135 -12.65 12.29 9.61
C THR A 135 -12.81 13.50 10.50
N ASP A 136 -13.91 13.56 11.24
CA ASP A 136 -14.19 14.69 12.12
C ASP A 136 -13.18 14.74 13.25
N PHE A 137 -12.44 15.85 13.31
CA PHE A 137 -11.38 16.02 14.30
C PHE A 137 -11.94 16.01 15.72
N ARG A 138 -13.04 16.72 15.93
CA ARG A 138 -13.62 16.85 17.26
C ARG A 138 -14.18 15.52 17.75
N ALA A 139 -14.80 14.76 16.86
CA ALA A 139 -15.33 13.45 17.23
C ALA A 139 -14.20 12.52 17.67
N ALA A 140 -13.07 12.61 16.98
CA ALA A 140 -11.90 11.82 17.31
C ALA A 140 -11.32 12.22 18.66
N MET A 141 -11.30 13.52 18.94
CA MET A 141 -10.80 14.03 20.21
C MET A 141 -11.76 13.70 21.34
N ASN A 142 -13.06 13.74 21.08
CA ASN A 142 -14.04 13.32 22.05
C ASN A 142 -13.86 11.84 22.35
N LYS A 143 -13.52 11.08 21.31
CA LYS A 143 -13.23 9.66 21.46
C LYS A 143 -11.95 9.48 22.27
N MET A 144 -10.97 10.34 22.02
CA MET A 144 -9.71 10.32 22.76
C MET A 144 -9.93 10.60 24.23
N ASN A 145 -10.70 11.63 24.54
CA ASN A 145 -11.00 12.00 25.91
C ASN A 145 -11.87 10.96 26.62
N LYS A 146 -12.82 10.41 25.89
CA LYS A 146 -13.77 9.46 26.46
C LYS A 146 -13.12 8.10 26.76
N LEU A 147 -12.38 7.57 25.79
CA LEU A 147 -11.84 6.22 25.89
C LEU A 147 -10.50 6.13 26.61
N ARG A 148 -9.71 7.20 26.51
CA ARG A 148 -8.34 7.19 27.02
C ARG A 148 -7.58 5.99 26.46
N PRO A 149 -7.46 5.92 25.12
CA PRO A 149 -6.90 4.75 24.45
C PRO A 149 -5.44 4.48 24.79
N ASN A 150 -5.08 3.20 24.84
CA ASN A 150 -3.69 2.81 25.04
C ASN A 150 -2.99 2.61 23.70
N ILE A 151 -3.79 2.48 22.64
CA ILE A 151 -3.26 2.27 21.29
C ILE A 151 -3.82 3.33 20.34
N VAL A 152 -2.92 3.94 19.57
CA VAL A 152 -3.31 4.89 18.54
C VAL A 152 -2.79 4.42 17.19
N ILE A 153 -3.70 4.32 16.21
CA ILE A 153 -3.30 4.12 14.82
C ILE A 153 -3.59 5.41 14.08
N ALA A 154 -2.67 5.85 13.24
CA ALA A 154 -2.81 7.16 12.62
C ALA A 154 -2.09 7.27 11.29
N THR A 155 -2.46 8.30 10.54
CA THR A 155 -1.68 8.75 9.40
C THR A 155 -0.89 9.98 9.86
N PRO A 156 0.29 10.22 9.26
CA PRO A 156 1.22 11.23 9.79
C PRO A 156 0.62 12.62 9.97
N GLY A 157 -0.12 13.11 8.99
CA GLY A 157 -0.63 14.47 9.04
C GLY A 157 -1.51 14.74 10.24
N ARG A 158 -2.59 13.98 10.37
CA ARG A 158 -3.53 14.18 11.47
C ARG A 158 -2.84 13.92 12.80
N LEU A 159 -1.93 12.95 12.81
CA LEU A 159 -1.18 12.63 14.01
C LEU A 159 -0.37 13.84 14.45
N ILE A 160 0.28 14.51 13.49
CA ILE A 160 1.04 15.72 13.79
C ILE A 160 0.12 16.81 14.32
N ASP A 161 -1.06 16.95 13.71
CA ASP A 161 -2.05 17.92 14.18
C ASP A 161 -2.41 17.68 15.64
N VAL A 162 -2.69 16.41 15.97
CA VAL A 162 -3.06 16.05 17.33
C VAL A 162 -1.88 16.26 18.27
N LEU A 163 -0.68 15.87 17.84
CA LEU A 163 0.50 15.97 18.68
C LEU A 163 0.86 17.42 19.00
N GLU A 164 0.66 18.30 18.03
CA GLU A 164 0.94 19.72 18.23
C GLU A 164 0.06 20.32 19.32
N LYS A 165 -1.08 19.68 19.57
CA LYS A 165 -2.09 20.24 20.47
C LYS A 165 -2.30 19.46 21.76
N TYR A 166 -2.10 18.14 21.72
CA TYR A 166 -2.44 17.29 22.87
C TYR A 166 -1.36 16.27 23.23
N SER A 167 -0.13 16.54 22.81
CA SER A 167 0.98 15.65 23.13
C SER A 167 1.13 15.46 24.63
N ASN A 168 0.99 16.55 25.39
CA ASN A 168 1.05 16.49 26.84
C ASN A 168 -0.10 15.70 27.44
N LYS A 169 -1.27 15.80 26.82
CA LYS A 169 -2.46 15.19 27.39
C LYS A 169 -2.48 13.67 27.23
N PHE A 170 -1.96 13.17 26.11
CA PHE A 170 -2.09 11.76 25.77
C PHE A 170 -0.78 11.01 25.51
N PHE A 171 0.25 11.71 25.03
CA PHE A 171 1.43 11.04 24.46
C PHE A 171 2.73 11.19 25.25
N ARG A 172 2.63 11.46 26.55
CA ARG A 172 3.83 11.63 27.37
C ARG A 172 4.39 10.31 27.88
N PHE A 173 3.71 9.21 27.60
CA PHE A 173 4.09 7.91 28.16
C PHE A 173 4.10 6.81 27.11
N VAL A 174 4.44 7.17 25.87
CA VAL A 174 4.56 6.19 24.81
C VAL A 174 5.81 5.33 25.03
N ASP A 175 5.66 4.02 24.84
CA ASP A 175 6.77 3.09 24.99
C ASP A 175 7.10 2.44 23.65
N TYR A 176 6.10 2.37 22.78
CA TYR A 176 6.25 1.78 21.45
C TYR A 176 5.73 2.73 20.37
N LYS A 177 6.46 2.82 19.26
CA LYS A 177 5.92 3.44 18.05
C LYS A 177 6.18 2.52 16.87
N VAL A 178 5.17 2.36 16.01
CA VAL A 178 5.23 1.39 14.93
C VAL A 178 5.10 2.07 13.57
N LEU A 179 6.06 1.77 12.68
CA LEU A 179 6.00 2.20 11.29
C LEU A 179 5.63 1.02 10.40
N ASP A 180 4.34 0.82 10.14
CA ASP A 180 3.91 -0.21 9.22
C ASP A 180 4.11 0.31 7.81
N GLU A 181 4.58 -0.56 6.92
CA GLU A 181 5.00 -0.14 5.58
C GLU A 181 6.06 0.94 5.75
N ALA A 182 7.08 0.61 6.54
CA ALA A 182 8.08 1.58 6.99
C ALA A 182 8.77 2.31 5.84
N ASP A 183 9.21 1.55 4.84
CA ASP A 183 10.00 2.11 3.75
C ASP A 183 9.33 3.27 3.04
N ARG A 184 8.02 3.18 2.82
CA ARG A 184 7.28 4.28 2.19
C ARG A 184 7.24 5.49 3.11
N LEU A 185 7.04 5.23 4.40
CA LEU A 185 7.04 6.30 5.40
C LEU A 185 8.43 6.91 5.60
N LEU A 186 9.45 6.23 5.08
CA LEU A 186 10.82 6.72 5.17
C LEU A 186 11.27 7.31 3.82
N GLU A 187 10.36 7.35 2.87
CA GLU A 187 10.63 7.99 1.58
C GLU A 187 10.40 9.49 1.68
N ILE A 188 10.95 10.23 0.73
CA ILE A 188 10.74 11.68 0.69
C ILE A 188 9.25 11.98 0.63
N GLY A 189 8.82 12.95 1.42
CA GLY A 189 7.42 13.30 1.52
C GLY A 189 6.80 12.82 2.82
N PHE A 190 7.41 11.80 3.42
CA PHE A 190 6.93 11.25 4.69
C PHE A 190 8.00 11.28 5.79
N ARG A 191 9.28 11.24 5.41
CA ARG A 191 10.34 11.12 6.39
C ARG A 191 10.36 12.30 7.36
N ASP A 192 10.29 13.51 6.83
CA ASP A 192 10.29 14.71 7.68
C ASP A 192 9.11 14.70 8.64
N ASP A 193 7.96 14.22 8.17
CA ASP A 193 6.77 14.14 9.01
C ASP A 193 6.97 13.17 10.17
N LEU A 194 7.57 12.02 9.88
CA LEU A 194 7.83 11.03 10.92
C LEU A 194 8.96 11.48 11.84
N GLU A 195 9.88 12.28 11.33
CA GLU A 195 10.94 12.83 12.16
C GLU A 195 10.36 13.85 13.14
N THR A 196 9.40 14.64 12.68
CA THR A 196 8.72 15.57 13.56
C THR A 196 7.92 14.81 14.62
N ILE A 197 7.24 13.75 14.19
CA ILE A 197 6.45 12.92 15.11
C ILE A 197 7.35 12.28 16.16
N SER A 198 8.40 11.60 15.72
CA SER A 198 9.32 10.94 16.63
C SER A 198 9.93 11.95 17.59
N GLY A 199 10.27 13.12 17.05
CA GLY A 199 10.87 14.18 17.83
C GLY A 199 9.94 14.66 18.92
N ILE A 200 8.66 14.83 18.58
CA ILE A 200 7.67 15.29 19.55
C ILE A 200 7.43 14.22 20.62
N LEU A 201 7.29 12.98 20.20
CA LEU A 201 7.06 11.89 21.14
C LEU A 201 8.25 11.72 22.08
N ASN A 202 9.46 11.84 21.53
CA ASN A 202 10.68 11.74 22.33
C ASN A 202 10.83 12.95 23.26
N GLU A 203 10.56 14.13 22.73
CA GLU A 203 10.64 15.36 23.53
C GLU A 203 9.64 15.35 24.68
N LYS A 204 8.47 14.76 24.46
CA LYS A 204 7.38 14.80 25.42
C LYS A 204 7.37 13.61 26.38
N ASN A 205 8.18 12.59 26.09
CA ASN A 205 8.20 11.38 26.91
C ASN A 205 8.65 11.70 28.33
N SER A 206 7.99 11.04 29.30
CA SER A 206 8.17 11.36 30.71
C SER A 206 9.45 10.76 31.30
N LYS A 207 9.86 9.59 30.79
CA LYS A 207 11.01 8.89 31.33
C LYS A 207 12.32 9.36 30.69
N SER A 208 12.40 9.23 29.37
CA SER A 208 13.58 9.65 28.64
C SER A 208 13.29 9.82 27.15
N ALA A 209 14.16 10.56 26.46
CA ALA A 209 14.01 10.81 25.04
C ALA A 209 14.28 9.55 24.22
N ASP A 210 14.89 8.55 24.87
CA ASP A 210 15.23 7.30 24.19
C ASP A 210 14.47 6.11 24.78
N ASN A 211 13.41 6.41 25.52
CA ASN A 211 12.58 5.36 26.11
C ASN A 211 11.82 4.56 25.07
N ILE A 212 11.28 5.26 24.08
CA ILE A 212 10.41 4.66 23.07
C ILE A 212 11.14 3.62 22.22
N LYS A 213 10.48 2.48 22.00
CA LYS A 213 10.97 1.45 21.08
C LYS A 213 10.29 1.63 19.72
N THR A 214 11.07 1.52 18.65
CA THR A 214 10.56 1.70 17.29
C THR A 214 10.53 0.38 16.52
N LEU A 215 9.41 0.11 15.87
CA LEU A 215 9.22 -1.11 15.08
C LEU A 215 8.97 -0.77 13.62
N LEU A 216 9.83 -1.30 12.75
CA LEU A 216 9.70 -1.12 11.31
C LEU A 216 9.30 -2.42 10.63
N PHE A 217 8.16 -2.39 9.94
CA PHE A 217 7.62 -3.55 9.24
C PHE A 217 7.33 -3.25 7.78
N SER A 218 7.74 -4.15 6.89
CA SER A 218 7.41 -4.05 5.47
C SER A 218 7.83 -5.29 4.70
N ALA A 219 7.22 -5.48 3.52
CA ALA A 219 7.61 -6.56 2.63
C ALA A 219 8.82 -6.15 1.80
N THR A 220 9.07 -4.84 1.73
CA THR A 220 10.15 -4.29 0.93
C THR A 220 11.00 -3.31 1.72
N LEU A 221 12.19 -3.74 2.11
CA LEU A 221 13.17 -2.85 2.71
C LEU A 221 14.54 -3.52 2.71
N ASP A 222 15.59 -2.74 2.97
CA ASP A 222 16.96 -3.23 2.94
C ASP A 222 17.76 -2.69 4.12
N ASP A 223 19.01 -2.35 3.88
CA ASP A 223 19.86 -1.72 4.89
C ASP A 223 19.76 -0.21 4.79
N LYS A 224 19.27 0.27 3.65
CA LYS A 224 19.13 1.70 3.39
C LYS A 224 18.18 2.36 4.39
N VAL A 225 17.18 1.60 4.83
CA VAL A 225 16.19 2.12 5.78
C VAL A 225 16.83 2.37 7.15
N GLN A 226 17.81 1.55 7.50
CA GLN A 226 18.54 1.72 8.75
C GLN A 226 19.23 3.07 8.75
N LYS A 227 19.72 3.48 7.58
CA LYS A 227 20.34 4.79 7.42
C LYS A 227 19.27 5.89 7.35
N LEU A 228 18.18 5.60 6.67
CA LEU A 228 17.09 6.57 6.51
C LEU A 228 16.36 6.85 7.83
N ALA A 229 16.46 5.91 8.77
CA ALA A 229 15.72 6.00 10.03
C ALA A 229 16.63 6.36 11.20
N ASN A 230 17.91 6.60 10.93
CA ASN A 230 18.89 6.86 11.99
C ASN A 230 18.46 7.95 12.96
N ASN A 231 17.61 8.86 12.50
CA ASN A 231 17.16 9.98 13.32
C ASN A 231 15.94 9.67 14.20
N ILE A 232 15.25 8.57 13.90
CA ILE A 232 14.04 8.18 14.64
C ILE A 232 14.26 6.93 15.49
N MET A 233 15.44 6.32 15.36
CA MET A 233 15.80 5.16 16.17
C MET A 233 16.59 5.62 17.38
N ASN A 234 15.98 5.51 18.56
CA ASN A 234 16.56 6.04 19.78
C ASN A 234 17.61 5.12 20.40
N LYS A 235 17.29 3.84 20.44
CA LYS A 235 18.10 2.86 21.15
C LYS A 235 19.43 2.60 20.46
N LYS A 236 20.31 1.88 21.13
CA LYS A 236 21.69 1.70 20.67
C LYS A 236 21.85 0.54 19.69
N GLU A 237 21.04 -0.50 19.86
CA GLU A 237 21.08 -1.66 18.97
C GLU A 237 19.78 -1.80 18.20
N CYS A 238 19.82 -2.59 17.12
CA CYS A 238 18.66 -2.79 16.26
C CYS A 238 18.65 -4.19 15.66
N LEU A 239 17.58 -4.93 15.90
CA LEU A 239 17.44 -6.30 15.41
C LEU A 239 16.84 -6.34 14.02
N PHE A 240 17.43 -7.13 13.13
CA PHE A 240 16.88 -7.32 11.78
C PHE A 240 16.30 -8.73 11.66
N LEU A 241 14.98 -8.81 11.73
CA LEU A 241 14.28 -10.09 11.64
C LEU A 241 13.79 -10.33 10.21
N ASP A 242 14.52 -11.18 9.48
CA ASP A 242 14.27 -11.37 8.05
C ASP A 242 13.79 -12.79 7.72
N THR A 243 12.59 -12.88 7.16
CA THR A 243 12.04 -14.16 6.71
C THR A 243 12.20 -14.33 5.20
N VAL A 244 13.21 -13.66 4.65
CA VAL A 244 13.52 -13.75 3.23
C VAL A 244 15.02 -13.77 3.03
N ASP A 245 15.51 -14.74 2.26
CA ASP A 245 16.94 -14.82 1.96
C ASP A 245 17.36 -13.58 1.18
N LYS A 246 18.64 -13.24 1.29
CA LYS A 246 19.15 -12.00 0.70
C LYS A 246 18.90 -11.94 -0.80
N ASN A 247 19.25 -13.01 -1.51
CA ASN A 247 19.10 -13.07 -2.96
C ASN A 247 17.68 -13.42 -3.39
N GLU A 248 16.92 -14.03 -2.48
CA GLU A 248 15.56 -14.44 -2.80
C GLU A 248 14.68 -13.24 -3.13
N PRO A 249 13.73 -13.41 -4.06
CA PRO A 249 12.89 -12.27 -4.42
C PRO A 249 11.85 -11.96 -3.35
N GLU A 250 11.60 -10.67 -3.13
CA GLU A 250 10.69 -10.25 -2.07
C GLU A 250 9.23 -10.56 -2.42
N ALA A 251 8.96 -10.78 -3.70
CA ALA A 251 7.61 -11.11 -4.16
C ALA A 251 7.19 -12.47 -3.64
N HIS A 252 5.89 -12.61 -3.36
CA HIS A 252 5.35 -13.87 -2.86
C HIS A 252 5.38 -14.92 -3.96
N GLU A 253 6.01 -16.06 -3.67
CA GLU A 253 6.26 -17.09 -4.67
C GLU A 253 4.97 -17.73 -5.21
N ARG A 254 3.90 -17.69 -4.42
CA ARG A 254 2.66 -18.35 -4.81
C ARG A 254 1.89 -17.59 -5.89
N ILE A 255 2.28 -16.33 -6.12
CA ILE A 255 1.64 -15.54 -7.16
C ILE A 255 2.12 -15.99 -8.54
N ASP A 256 1.16 -16.27 -9.42
CA ASP A 256 1.48 -16.61 -10.80
C ASP A 256 1.55 -15.34 -11.65
N GLN A 257 2.76 -14.82 -11.81
CA GLN A 257 2.96 -13.53 -12.48
C GLN A 257 3.06 -13.67 -14.00
N SER A 258 2.60 -12.63 -14.70
CA SER A 258 2.71 -12.58 -16.15
C SER A 258 2.73 -11.11 -16.59
N VAL A 259 3.19 -10.88 -17.82
CA VAL A 259 3.21 -9.53 -18.38
C VAL A 259 2.67 -9.56 -19.81
N VAL A 260 1.76 -8.62 -20.10
CA VAL A 260 1.22 -8.45 -21.44
C VAL A 260 1.82 -7.21 -22.08
N ILE A 261 2.61 -7.41 -23.13
CA ILE A 261 3.34 -6.34 -23.78
C ILE A 261 2.65 -5.92 -25.06
N SER A 262 2.34 -4.63 -25.19
CA SER A 262 1.67 -4.11 -26.37
C SER A 262 2.59 -3.16 -27.14
N GLU A 263 2.17 -2.80 -28.36
CA GLU A 263 2.94 -1.89 -29.19
C GLU A 263 2.78 -0.45 -28.69
N LYS A 264 1.55 -0.07 -28.35
CA LYS A 264 1.25 1.24 -27.81
C LYS A 264 0.75 1.11 -26.36
N PHE A 265 0.71 2.22 -25.63
CA PHE A 265 0.28 2.18 -24.24
C PHE A 265 -1.24 2.08 -24.13
N ALA A 266 -1.93 2.79 -25.02
CA ALA A 266 -3.39 2.87 -24.93
C ALA A 266 -4.05 1.50 -25.02
N ASN A 267 -3.57 0.65 -25.93
CA ASN A 267 -4.24 -0.62 -26.16
C ASN A 267 -3.84 -1.70 -25.16
N SER A 268 -3.10 -1.31 -24.12
CA SER A 268 -2.95 -2.17 -22.95
C SER A 268 -4.25 -2.22 -22.18
N ILE A 269 -5.07 -1.17 -22.32
CA ILE A 269 -6.41 -1.20 -21.76
C ILE A 269 -7.23 -2.27 -22.49
N PHE A 270 -7.12 -2.30 -23.81
CA PHE A 270 -7.79 -3.30 -24.63
C PHE A 270 -7.29 -4.69 -24.25
N ALA A 271 -6.00 -4.80 -23.94
CA ALA A 271 -5.43 -6.06 -23.49
C ALA A 271 -6.10 -6.52 -22.20
N ALA A 272 -6.28 -5.58 -21.28
CA ALA A 272 -6.90 -5.88 -19.99
C ALA A 272 -8.38 -6.26 -20.15
N VAL A 273 -9.09 -5.51 -20.97
CA VAL A 273 -10.50 -5.78 -21.22
C VAL A 273 -10.68 -7.19 -21.78
N GLU A 274 -9.83 -7.58 -22.71
CA GLU A 274 -9.89 -8.93 -23.27
C GLU A 274 -9.57 -9.96 -22.20
N HIS A 275 -8.69 -9.60 -21.27
CA HIS A 275 -8.33 -10.52 -20.19
C HIS A 275 -9.50 -10.71 -19.23
N ILE A 276 -10.06 -9.60 -18.76
CA ILE A 276 -11.17 -9.67 -17.83
C ILE A 276 -12.37 -10.39 -18.43
N LYS A 277 -12.70 -10.03 -19.67
CA LYS A 277 -13.83 -10.66 -20.36
C LYS A 277 -13.67 -12.18 -20.43
N LYS A 278 -12.45 -12.63 -20.69
CA LYS A 278 -12.15 -14.06 -20.70
C LYS A 278 -12.34 -14.65 -19.31
N GLN A 279 -12.04 -13.85 -18.28
CA GLN A 279 -12.09 -14.32 -16.90
C GLN A 279 -13.52 -14.45 -16.37
N ILE A 280 -14.40 -13.49 -16.71
CA ILE A 280 -15.77 -13.55 -16.21
C ILE A 280 -16.51 -14.72 -16.85
N LYS A 281 -16.20 -15.01 -18.11
CA LYS A 281 -16.83 -16.11 -18.82
C LYS A 281 -16.42 -17.45 -18.24
N GLU A 282 -15.11 -17.65 -18.09
CA GLU A 282 -14.56 -18.89 -17.57
C GLU A 282 -14.99 -19.16 -16.13
N ARG A 283 -14.92 -18.12 -15.29
CA ARG A 283 -15.27 -18.25 -13.88
C ARG A 283 -16.77 -18.07 -13.63
N ASP A 284 -17.51 -17.78 -14.69
CA ASP A 284 -18.96 -17.56 -14.59
C ASP A 284 -19.28 -16.47 -13.58
N SER A 285 -18.68 -15.30 -13.77
CA SER A 285 -18.93 -14.12 -12.95
C SER A 285 -18.48 -14.28 -11.49
N ASN A 286 -17.93 -15.45 -11.15
CA ASN A 286 -17.36 -15.66 -9.83
C ASN A 286 -15.92 -15.15 -9.82
N TYR A 287 -15.78 -13.84 -9.94
CA TYR A 287 -14.48 -13.22 -10.19
C TYR A 287 -14.26 -11.99 -9.30
N LYS A 288 -13.21 -12.06 -8.49
CA LYS A 288 -12.82 -10.94 -7.64
C LYS A 288 -11.40 -10.50 -8.02
N ALA A 289 -11.26 -9.26 -8.48
CA ALA A 289 -9.97 -8.78 -8.95
C ALA A 289 -9.73 -7.30 -8.62
N ILE A 290 -8.46 -6.92 -8.55
CA ILE A 290 -8.05 -5.54 -8.35
C ILE A 290 -7.19 -5.10 -9.53
N ILE A 291 -7.57 -4.00 -10.18
CA ILE A 291 -6.80 -3.46 -11.29
C ILE A 291 -6.20 -2.10 -10.93
N PHE A 292 -4.88 -2.01 -11.06
CA PHE A 292 -4.14 -0.79 -10.68
C PHE A 292 -3.91 0.13 -11.88
N ALA A 293 -3.95 1.43 -11.63
CA ALA A 293 -3.67 2.44 -12.65
C ALA A 293 -2.72 3.49 -12.07
N PRO A 294 -1.96 4.16 -12.94
CA PRO A 294 -0.92 5.08 -12.45
C PRO A 294 -1.46 6.41 -11.92
N THR A 295 -2.70 6.75 -12.29
CA THR A 295 -3.23 8.07 -11.99
C THR A 295 -4.73 8.04 -11.67
N VAL A 296 -5.18 9.05 -10.93
CA VAL A 296 -6.58 9.18 -10.55
C VAL A 296 -7.50 9.30 -11.75
N LYS A 297 -7.21 10.26 -12.63
CA LYS A 297 -8.04 10.51 -13.79
C LYS A 297 -8.15 9.28 -14.70
N PHE A 298 -7.03 8.59 -14.86
CA PHE A 298 -7.01 7.37 -15.69
C PHE A 298 -7.74 6.24 -14.96
N THR A 299 -7.63 6.22 -13.64
CA THR A 299 -8.38 5.27 -12.83
C THR A 299 -9.86 5.47 -13.08
N SER A 300 -10.30 6.72 -13.00
CA SER A 300 -11.70 7.05 -13.20
C SER A 300 -12.16 6.73 -14.62
N PHE A 301 -11.28 7.00 -15.59
CA PHE A 301 -11.57 6.74 -16.99
C PHE A 301 -11.66 5.22 -17.22
N LEU A 302 -10.64 4.52 -16.75
CA LEU A 302 -10.61 3.07 -16.83
C LEU A 302 -11.84 2.49 -16.14
N CYS A 303 -12.22 3.10 -15.02
CA CYS A 303 -13.41 2.69 -14.30
C CYS A 303 -14.65 2.84 -15.18
N SER A 304 -14.76 3.98 -15.86
CA SER A 304 -15.90 4.25 -16.73
C SER A 304 -16.00 3.20 -17.84
N ILE A 305 -14.86 2.82 -18.40
CA ILE A 305 -14.82 1.79 -19.43
C ILE A 305 -15.25 0.45 -18.85
N LEU A 306 -14.69 0.07 -17.72
CA LEU A 306 -14.99 -1.22 -17.11
C LEU A 306 -16.45 -1.27 -16.66
N LYS A 307 -17.01 -0.12 -16.28
CA LYS A 307 -18.44 -0.04 -15.97
C LYS A 307 -19.27 -0.31 -17.22
N ASN A 308 -18.93 0.38 -18.31
CA ASN A 308 -19.63 0.19 -19.57
C ASN A 308 -19.55 -1.27 -20.03
N GLU A 309 -18.41 -1.91 -19.75
CA GLU A 309 -18.16 -3.26 -20.25
C GLU A 309 -18.68 -4.37 -19.35
N PHE A 310 -18.44 -4.27 -18.04
CA PHE A 310 -18.58 -5.42 -17.14
C PHE A 310 -19.56 -5.25 -15.97
N LYS A 311 -20.25 -4.11 -15.92
CA LYS A 311 -21.18 -3.85 -14.82
C LYS A 311 -22.28 -4.90 -14.75
N LYS A 312 -22.64 -5.46 -15.91
CA LYS A 312 -23.68 -6.47 -15.98
C LYS A 312 -23.26 -7.79 -15.32
N ASP A 313 -21.95 -7.99 -15.18
CA ASP A 313 -21.42 -9.23 -14.64
C ASP A 313 -20.90 -9.05 -13.21
N LEU A 314 -20.31 -7.89 -12.94
CA LEU A 314 -19.65 -7.64 -11.66
C LEU A 314 -19.84 -6.21 -11.18
N PRO A 315 -19.76 -5.99 -9.85
CA PRO A 315 -19.67 -4.62 -9.36
C PRO A 315 -18.33 -3.97 -9.72
N ILE A 316 -18.35 -2.70 -10.10
CA ILE A 316 -17.12 -1.97 -10.40
C ILE A 316 -16.94 -0.83 -9.41
N LEU A 317 -15.88 -0.92 -8.60
CA LEU A 317 -15.65 0.03 -7.52
C LEU A 317 -14.49 0.96 -7.85
N GLU A 318 -14.71 2.26 -7.68
CA GLU A 318 -13.70 3.28 -7.93
C GLU A 318 -13.04 3.70 -6.63
N PHE A 319 -11.72 3.58 -6.57
CA PHE A 319 -10.99 3.77 -5.32
C PHE A 319 -9.70 4.57 -5.54
N HIS A 320 -9.71 5.82 -5.08
CA HIS A 320 -8.52 6.68 -5.13
C HIS A 320 -8.62 7.84 -4.15
N GLY A 321 -7.55 8.63 -4.08
CA GLY A 321 -7.40 9.66 -3.05
C GLY A 321 -8.35 10.84 -3.16
N LYS A 322 -9.01 10.98 -4.31
CA LYS A 322 -9.97 12.06 -4.51
C LYS A 322 -11.40 11.60 -4.20
N ILE A 323 -11.54 10.33 -3.85
CA ILE A 323 -12.80 9.81 -3.34
C ILE A 323 -12.92 10.21 -1.86
N THR A 324 -14.09 10.71 -1.48
CA THR A 324 -14.34 11.09 -0.10
C THR A 324 -14.10 9.90 0.83
N GLN A 325 -13.56 10.18 2.01
CA GLN A 325 -13.09 9.14 2.91
C GLN A 325 -14.21 8.21 3.36
N ASN A 326 -15.41 8.74 3.49
CA ASN A 326 -16.57 7.92 3.83
C ASN A 326 -16.83 6.85 2.77
N LYS A 327 -16.74 7.24 1.50
CA LYS A 327 -16.96 6.31 0.40
C LYS A 327 -15.80 5.33 0.28
N ARG A 328 -14.59 5.80 0.58
CA ARG A 328 -13.44 4.94 0.61
C ARG A 328 -13.65 3.83 1.64
N THR A 329 -14.11 4.20 2.83
CA THR A 329 -14.37 3.22 3.88
C THR A 329 -15.51 2.27 3.52
N SER A 330 -16.55 2.82 2.88
CA SER A 330 -17.69 2.01 2.47
C SER A 330 -17.27 0.94 1.45
N LEU A 331 -16.52 1.36 0.44
CA LEU A 331 -16.14 0.45 -0.63
C LEU A 331 -15.03 -0.52 -0.22
N VAL A 332 -14.16 -0.13 0.73
CA VAL A 332 -13.14 -1.08 1.19
C VAL A 332 -13.82 -2.19 1.97
N LYS A 333 -14.81 -1.83 2.80
CA LYS A 333 -15.53 -2.84 3.58
C LYS A 333 -16.42 -3.67 2.68
N ARG A 334 -17.00 -3.05 1.65
CA ARG A 334 -17.79 -3.81 0.69
C ARG A 334 -16.89 -4.79 -0.05
N PHE A 335 -15.79 -4.29 -0.60
CA PHE A 335 -14.88 -5.14 -1.34
C PHE A 335 -14.19 -6.15 -0.43
N LYS A 336 -14.15 -5.85 0.87
CA LYS A 336 -13.67 -6.81 1.85
C LYS A 336 -14.66 -7.96 2.00
N LYS A 337 -15.95 -7.64 2.02
CA LYS A 337 -17.00 -8.63 2.23
C LYS A 337 -17.38 -9.38 0.96
N ASP A 338 -17.59 -8.67 -0.14
CA ASP A 338 -18.15 -9.28 -1.35
C ASP A 338 -17.28 -10.42 -1.89
N GLU A 339 -17.92 -11.37 -2.56
CA GLU A 339 -17.25 -12.56 -3.06
C GLU A 339 -16.66 -12.34 -4.46
N SER A 340 -17.18 -11.34 -5.16
CA SER A 340 -16.75 -11.03 -6.52
C SER A 340 -16.76 -9.53 -6.76
N GLY A 341 -16.20 -9.11 -7.88
CA GLY A 341 -16.17 -7.71 -8.25
C GLY A 341 -14.80 -7.22 -8.68
N ILE A 342 -14.77 -6.05 -9.31
CA ILE A 342 -13.54 -5.43 -9.77
C ILE A 342 -13.26 -4.14 -8.99
N LEU A 343 -12.16 -4.13 -8.26
CA LEU A 343 -11.68 -2.91 -7.62
C LEU A 343 -10.71 -2.19 -8.55
N VAL A 344 -11.12 -1.03 -9.04
CA VAL A 344 -10.29 -0.22 -9.92
C VAL A 344 -9.67 0.91 -9.10
N CYS A 345 -8.35 0.93 -8.99
CA CYS A 345 -7.71 1.86 -8.06
C CYS A 345 -6.30 2.27 -8.45
N THR A 346 -5.86 3.34 -7.81
CA THR A 346 -4.48 3.80 -7.89
C THR A 346 -3.66 3.14 -6.79
N ASP A 347 -2.47 3.68 -6.53
CA ASP A 347 -1.56 3.08 -5.55
C ASP A 347 -1.98 3.35 -4.10
N VAL A 348 -3.10 4.02 -3.91
CA VAL A 348 -3.63 4.24 -2.56
C VAL A 348 -3.93 2.90 -1.89
N GLY A 349 -4.23 1.90 -2.71
CA GLY A 349 -4.57 0.57 -2.22
C GLY A 349 -3.49 -0.45 -2.52
N ALA A 350 -2.28 0.04 -2.81
CA ALA A 350 -1.16 -0.83 -3.16
C ALA A 350 -0.59 -1.55 -1.94
N ARG A 351 -0.52 -0.84 -0.82
CA ARG A 351 0.17 -1.34 0.38
C ARG A 351 -0.78 -1.66 1.53
N GLY A 352 -0.54 -2.79 2.19
CA GLY A 352 -1.18 -3.12 3.45
C GLY A 352 -2.61 -3.64 3.38
N MET A 353 -3.40 -3.10 2.45
CA MET A 353 -4.82 -3.43 2.39
C MET A 353 -5.05 -4.92 2.18
N ASP A 354 -5.89 -5.49 3.03
CA ASP A 354 -6.15 -6.93 3.04
C ASP A 354 -7.56 -7.25 2.54
N PHE A 355 -7.66 -7.65 1.28
CA PHE A 355 -8.92 -8.09 0.69
C PHE A 355 -8.90 -9.60 0.53
N PRO A 356 -9.73 -10.33 1.31
CA PRO A 356 -9.73 -11.79 1.22
C PRO A 356 -10.07 -12.33 -0.17
N ASN A 357 -9.32 -13.34 -0.60
CA ASN A 357 -9.63 -14.10 -1.81
C ASN A 357 -9.71 -13.26 -3.08
N VAL A 358 -8.75 -12.37 -3.28
CA VAL A 358 -8.61 -11.70 -4.57
C VAL A 358 -7.99 -12.68 -5.56
N HIS A 359 -8.63 -12.86 -6.71
CA HIS A 359 -8.18 -13.85 -7.68
C HIS A 359 -6.97 -13.35 -8.47
N GLU A 360 -7.05 -12.11 -8.95
CA GLU A 360 -6.01 -11.53 -9.78
C GLU A 360 -5.73 -10.08 -9.45
N VAL A 361 -4.48 -9.67 -9.64
CA VAL A 361 -4.09 -8.27 -9.56
C VAL A 361 -3.65 -7.83 -10.95
N LEU A 362 -4.39 -6.89 -11.53
CA LEU A 362 -4.09 -6.37 -12.85
C LEU A 362 -3.41 -5.01 -12.74
N GLN A 363 -2.54 -4.70 -13.69
CA GLN A 363 -1.83 -3.43 -13.71
C GLN A 363 -1.77 -2.87 -15.12
N ILE A 364 -2.39 -1.72 -15.32
CA ILE A 364 -2.22 -0.96 -16.56
C ILE A 364 -1.20 0.13 -16.31
N GLY A 365 -0.01 -0.04 -16.89
CA GLY A 365 1.08 0.88 -16.67
C GLY A 365 1.92 0.50 -15.48
N VAL A 366 2.78 1.42 -15.04
CA VAL A 366 3.71 1.16 -13.95
C VAL A 366 3.23 1.80 -12.65
N PRO A 367 3.74 1.31 -11.51
CA PRO A 367 3.39 1.89 -10.21
C PRO A 367 4.12 3.21 -9.92
N SER A 368 3.68 3.93 -8.90
CA SER A 368 4.29 5.21 -8.54
C SER A 368 5.73 5.03 -8.06
N GLU A 369 6.06 3.81 -7.65
CA GLU A 369 7.43 3.48 -7.25
C GLU A 369 7.69 1.99 -7.46
N LEU A 370 8.96 1.64 -7.69
CA LEU A 370 9.33 0.27 -8.03
C LEU A 370 8.86 -0.76 -7.00
N ALA A 371 9.08 -0.47 -5.72
CA ALA A 371 8.71 -1.39 -4.66
C ALA A 371 7.22 -1.69 -4.65
N ASN A 372 6.42 -0.69 -5.04
CA ASN A 372 4.97 -0.85 -5.06
C ASN A 372 4.50 -1.90 -6.06
N TYR A 373 5.40 -2.34 -6.94
CA TYR A 373 5.08 -3.48 -7.80
C TYR A 373 4.92 -4.73 -6.95
N ILE A 374 5.82 -4.88 -5.97
CA ILE A 374 5.79 -6.04 -5.08
C ILE A 374 4.53 -6.02 -4.21
N HIS A 375 4.18 -4.83 -3.72
CA HIS A 375 3.02 -4.69 -2.84
C HIS A 375 1.71 -4.82 -3.60
N ARG A 376 1.67 -4.28 -4.81
CA ARG A 376 0.49 -4.37 -5.67
C ARG A 376 0.03 -5.82 -5.87
N ILE A 377 0.93 -6.64 -6.40
CA ILE A 377 0.65 -8.07 -6.60
C ILE A 377 0.50 -8.78 -5.25
N GLY A 378 0.97 -8.14 -4.19
CA GLY A 378 0.85 -8.69 -2.85
C GLY A 378 -0.57 -8.64 -2.32
N ARG A 379 -1.46 -7.95 -3.03
CA ARG A 379 -2.85 -7.84 -2.61
C ARG A 379 -3.59 -9.17 -2.84
N THR A 380 -3.03 -10.02 -3.68
CA THR A 380 -3.56 -11.36 -3.89
C THR A 380 -2.58 -12.40 -3.32
N ALA A 381 -3.00 -13.66 -3.35
CA ALA A 381 -2.19 -14.76 -2.80
C ALA A 381 -1.84 -14.50 -1.34
N ARG A 382 -2.85 -14.14 -0.55
CA ARG A 382 -2.65 -13.81 0.85
C ARG A 382 -3.18 -14.91 1.76
N SER A 383 -2.48 -15.14 2.87
CA SER A 383 -2.92 -16.09 3.88
C SER A 383 -3.06 -17.51 3.31
N GLY A 384 -2.05 -17.95 2.57
CA GLY A 384 -2.01 -19.30 2.07
C GLY A 384 -2.76 -19.50 0.77
N LYS A 385 -3.60 -18.53 0.40
CA LYS A 385 -4.40 -18.63 -0.80
C LYS A 385 -3.55 -18.51 -2.05
N GLU A 386 -4.11 -18.94 -3.19
CA GLU A 386 -3.45 -18.83 -4.48
C GLU A 386 -3.69 -17.46 -5.08
N GLY A 387 -3.12 -17.22 -6.25
CA GLY A 387 -3.29 -15.94 -6.92
C GLY A 387 -2.44 -15.82 -8.17
N SER A 388 -2.88 -14.93 -9.08
CA SER A 388 -2.15 -14.64 -10.30
C SER A 388 -2.03 -13.13 -10.48
N SER A 389 -1.12 -12.71 -11.35
CA SER A 389 -0.92 -11.29 -11.63
C SER A 389 -0.56 -11.03 -13.08
N VAL A 390 -1.12 -9.96 -13.63
CA VAL A 390 -0.85 -9.57 -15.01
C VAL A 390 -0.43 -8.10 -15.08
N LEU A 391 0.71 -7.86 -15.73
CA LEU A 391 1.21 -6.51 -15.96
C LEU A 391 0.98 -6.11 -17.42
N PHE A 392 0.08 -5.16 -17.64
CA PHE A 392 -0.19 -4.65 -18.99
C PHE A 392 0.62 -3.40 -19.27
N ILE A 393 1.60 -3.52 -20.15
CA ILE A 393 2.47 -2.41 -20.52
C ILE A 393 2.72 -2.40 -22.01
N CYS A 394 3.31 -1.32 -22.51
CA CYS A 394 3.74 -1.25 -23.90
C CYS A 394 5.24 -1.53 -23.99
N LYS A 395 5.76 -1.53 -25.22
CA LYS A 395 7.17 -1.86 -25.45
C LYS A 395 8.12 -0.88 -24.78
N ASP A 396 7.76 0.40 -24.80
CA ASP A 396 8.61 1.45 -24.24
C ASP A 396 8.67 1.44 -22.72
N GLU A 397 7.88 0.57 -22.10
CA GLU A 397 7.91 0.37 -20.65
C GLU A 397 8.73 -0.85 -20.27
N LEU A 398 9.25 -1.55 -21.28
CA LEU A 398 10.00 -2.79 -21.06
C LEU A 398 11.19 -2.65 -20.10
N PRO A 399 11.88 -1.49 -20.13
CA PRO A 399 12.99 -1.31 -19.19
C PRO A 399 12.61 -1.48 -17.73
N PHE A 400 11.38 -1.13 -17.38
CA PHE A 400 10.88 -1.32 -16.02
C PHE A 400 10.89 -2.79 -15.63
N VAL A 401 10.48 -3.66 -16.55
CA VAL A 401 10.56 -5.10 -16.34
C VAL A 401 12.03 -5.51 -16.19
N ARG A 402 12.90 -4.84 -16.93
CA ARG A 402 14.35 -5.04 -16.81
C ARG A 402 14.84 -4.57 -15.44
N GLU A 403 14.27 -3.47 -14.95
CA GLU A 403 14.65 -2.91 -13.67
C GLU A 403 14.24 -3.82 -12.52
N LEU A 404 13.15 -4.57 -12.71
CA LEU A 404 12.66 -5.47 -11.68
C LEU A 404 13.66 -6.59 -11.39
N GLU A 405 14.38 -7.02 -12.43
CA GLU A 405 15.34 -8.11 -12.30
C GLU A 405 16.66 -7.62 -11.69
N ASP A 406 17.12 -6.46 -12.13
CA ASP A 406 18.42 -5.93 -11.69
C ASP A 406 18.43 -5.60 -10.21
N ALA A 407 17.37 -4.97 -9.72
CA ALA A 407 17.33 -4.48 -8.35
C ALA A 407 16.72 -5.49 -7.39
N LYS A 408 15.48 -5.89 -7.65
CA LYS A 408 14.73 -6.73 -6.71
C LYS A 408 14.78 -8.21 -7.07
N ASN A 409 15.49 -8.55 -8.15
CA ASN A 409 15.63 -9.93 -8.58
C ASN A 409 14.27 -10.57 -8.88
N ILE A 410 13.36 -9.78 -9.45
CA ILE A 410 12.02 -10.25 -9.80
C ILE A 410 11.95 -10.61 -11.28
N VAL A 411 11.89 -11.91 -11.56
CA VAL A 411 11.84 -12.41 -12.94
C VAL A 411 10.42 -12.85 -13.31
N ILE A 412 9.80 -12.13 -14.23
CA ILE A 412 8.50 -12.52 -14.75
C ILE A 412 8.71 -13.49 -15.92
N ALA A 413 8.50 -14.77 -15.65
CA ALA A 413 8.74 -15.81 -16.65
C ALA A 413 7.78 -15.69 -17.83
N LYS A 414 6.49 -15.71 -17.54
CA LYS A 414 5.47 -15.66 -18.59
C LYS A 414 5.35 -14.27 -19.20
N GLN A 415 5.79 -14.16 -20.46
CA GLN A 415 5.70 -12.91 -21.20
C GLN A 415 5.04 -13.17 -22.56
N GLU A 416 4.18 -12.26 -22.99
CA GLU A 416 3.50 -12.41 -24.27
C GLU A 416 3.19 -11.05 -24.88
N LYS A 417 3.08 -11.01 -26.20
CA LYS A 417 2.75 -9.78 -26.92
C LYS A 417 1.24 -9.67 -27.10
N TYR A 418 0.79 -8.49 -27.51
CA TYR A 418 -0.64 -8.26 -27.73
C TYR A 418 -0.90 -7.19 -28.78
N GLU A 419 -1.84 -7.49 -29.67
CA GLU A 419 -2.31 -6.52 -30.66
C GLU A 419 -3.84 -6.57 -30.70
N PRO A 420 -4.51 -5.41 -30.56
CA PRO A 420 -5.98 -5.39 -30.49
C PRO A 420 -6.64 -5.54 -31.86
N SER A 421 -7.78 -6.23 -31.88
CA SER A 421 -8.60 -6.31 -33.09
C SER A 421 -9.35 -4.99 -33.28
N GLU A 422 -9.82 -4.74 -34.49
CA GLU A 422 -10.55 -3.52 -34.79
C GLU A 422 -11.90 -3.50 -34.07
N GLU A 423 -12.47 -4.68 -33.89
CA GLU A 423 -13.78 -4.81 -33.27
C GLU A 423 -13.79 -4.33 -31.83
N ILE A 424 -12.82 -4.77 -31.03
CA ILE A 424 -12.77 -4.38 -29.62
C ILE A 424 -12.50 -2.89 -29.46
N LYS A 425 -11.59 -2.36 -30.29
CA LYS A 425 -11.29 -0.94 -30.27
C LYS A 425 -12.55 -0.14 -30.56
N SER A 426 -13.28 -0.56 -31.60
CA SER A 426 -14.52 0.12 -31.97
C SER A 426 -15.56 0.01 -30.86
N GLU A 427 -15.68 -1.17 -30.28
CA GLU A 427 -16.69 -1.40 -29.24
C GLU A 427 -16.39 -0.57 -28.00
N VAL A 428 -15.14 -0.57 -27.55
CA VAL A 428 -14.76 0.18 -26.37
C VAL A 428 -14.80 1.69 -26.62
N LEU A 429 -14.15 2.15 -27.68
CA LEU A 429 -14.03 3.57 -27.97
C LEU A 429 -15.38 4.20 -28.29
N GLU A 430 -16.26 3.43 -28.94
CA GLU A 430 -17.60 3.91 -29.24
C GLU A 430 -18.40 4.11 -27.95
N ALA A 431 -17.98 3.42 -26.90
CA ALA A 431 -18.67 3.47 -25.61
C ALA A 431 -17.89 4.31 -24.59
N VAL A 432 -17.32 5.42 -25.06
CA VAL A 432 -16.68 6.40 -24.19
C VAL A 432 -17.49 7.69 -24.25
N THR A 433 -17.84 8.22 -23.08
CA THR A 433 -18.70 9.39 -22.99
C THR A 433 -17.89 10.67 -22.74
N GLU A 434 -16.60 10.52 -22.48
CA GLU A 434 -15.74 11.66 -22.15
C GLU A 434 -15.48 12.54 -23.37
N GLU A 435 -15.54 13.85 -23.16
CA GLU A 435 -15.22 14.83 -24.20
C GLU A 435 -13.72 14.86 -24.43
N PRO A 436 -13.28 15.44 -25.57
CA PRO A 436 -11.84 15.52 -25.88
C PRO A 436 -11.04 16.23 -24.80
N GLU A 437 -11.65 17.20 -24.15
CA GLU A 437 -10.99 17.96 -23.08
C GLU A 437 -10.67 17.08 -21.88
N ASP A 438 -11.58 16.17 -21.56
CA ASP A 438 -11.37 15.22 -20.47
C ASP A 438 -10.28 14.22 -20.85
N ILE A 439 -10.35 13.71 -22.07
CA ILE A 439 -9.30 12.83 -22.58
C ILE A 439 -7.96 13.54 -22.52
N SER A 440 -7.94 14.83 -22.83
CA SER A 440 -6.71 15.62 -22.77
C SER A 440 -6.15 15.63 -21.35
N ASP A 441 -7.01 15.96 -20.38
CA ASP A 441 -6.61 15.99 -18.98
C ASP A 441 -6.09 14.64 -18.50
N ILE A 442 -6.74 13.58 -18.95
CA ILE A 442 -6.36 12.22 -18.56
C ILE A 442 -4.98 11.86 -19.11
N VAL A 443 -4.78 12.10 -20.41
CA VAL A 443 -3.49 11.80 -21.03
C VAL A 443 -2.41 12.71 -20.46
N ILE A 444 -2.74 13.97 -20.21
CA ILE A 444 -1.81 14.90 -19.59
C ILE A 444 -1.38 14.36 -18.22
N SER A 445 -2.34 13.81 -17.48
CA SER A 445 -2.05 13.25 -16.16
C SER A 445 -1.11 12.04 -16.31
N LEU A 446 -1.28 11.28 -17.39
CA LEU A 446 -0.42 10.14 -17.67
C LEU A 446 0.98 10.60 -18.07
N ILE A 447 1.04 11.67 -18.85
CA ILE A 447 2.33 12.25 -19.23
C ILE A 447 3.05 12.71 -17.97
N SER A 448 2.35 13.45 -17.12
CA SER A 448 2.89 13.94 -15.87
C SER A 448 3.36 12.78 -15.00
N SER A 449 2.56 11.71 -14.98
CA SER A 449 2.87 10.54 -14.17
C SER A 449 4.13 9.85 -14.65
N TYR A 450 4.20 9.62 -15.97
CA TYR A 450 5.33 8.90 -16.55
C TYR A 450 6.59 9.74 -16.60
N ARG A 451 6.42 11.06 -16.65
CA ARG A 451 7.57 11.95 -16.67
C ARG A 451 8.29 11.93 -15.31
N SER A 452 7.54 11.69 -14.25
CA SER A 452 8.08 11.75 -12.89
C SER A 452 8.92 10.52 -12.53
N CYS A 453 8.78 9.46 -13.32
CA CYS A 453 9.50 8.21 -13.05
C CYS A 453 10.40 7.80 -14.22
N ILE A 454 10.83 8.78 -15.03
CA ILE A 454 11.73 8.51 -16.14
C ILE A 454 13.08 8.03 -15.64
N LYS A 455 13.61 8.71 -14.62
CA LYS A 455 14.93 8.38 -14.08
C LYS A 455 14.89 7.07 -13.31
N GLU A 456 13.83 6.87 -12.53
CA GLU A 456 13.70 5.69 -11.69
C GLU A 456 13.69 4.39 -12.50
N TYR A 457 12.90 4.36 -13.57
CA TYR A 457 12.70 3.15 -14.35
C TYR A 457 13.55 3.10 -15.63
N ARG A 458 14.47 4.06 -15.77
CA ARG A 458 15.37 4.10 -16.92
C ARG A 458 14.62 4.17 -18.25
N PHE A 459 13.56 4.99 -18.30
CA PHE A 459 12.81 5.20 -19.53
C PHE A 459 13.54 6.15 -20.46
N SER A 460 13.37 5.95 -21.76
CA SER A 460 13.86 6.90 -22.76
C SER A 460 12.80 7.98 -22.96
N GLU A 461 13.03 9.14 -22.36
CA GLU A 461 12.06 10.24 -22.37
C GLU A 461 11.62 10.61 -23.79
N ARG A 462 12.56 10.55 -24.73
CA ARG A 462 12.27 10.92 -26.11
C ARG A 462 11.32 9.93 -26.79
N ARG A 463 11.16 8.75 -26.19
CA ARG A 463 10.38 7.68 -26.80
C ARG A 463 9.08 7.40 -26.04
N ILE A 464 9.17 7.31 -24.71
CA ILE A 464 8.03 6.91 -23.90
C ILE A 464 6.96 8.00 -23.85
N LEU A 465 7.38 9.25 -23.72
CA LEU A 465 6.43 10.35 -23.52
C LEU A 465 5.54 10.61 -24.74
N PRO A 466 6.13 10.63 -25.94
CA PRO A 466 5.29 10.74 -27.15
C PRO A 466 4.29 9.59 -27.24
N GLU A 467 4.70 8.40 -26.84
CA GLU A 467 3.83 7.24 -26.87
C GLU A 467 2.63 7.42 -25.92
N ILE A 468 2.90 7.89 -24.71
CA ILE A 468 1.84 8.18 -23.76
C ILE A 468 0.91 9.24 -24.33
N ALA A 469 1.49 10.26 -24.96
CA ALA A 469 0.73 11.35 -25.55
C ALA A 469 -0.15 10.84 -26.69
N SER A 470 0.35 9.85 -27.43
CA SER A 470 -0.37 9.34 -28.59
C SER A 470 -1.69 8.69 -28.19
N THR A 471 -1.80 8.30 -26.92
CA THR A 471 -3.03 7.70 -26.41
C THR A 471 -4.23 8.62 -26.68
N TYR A 472 -3.98 9.93 -26.63
CA TYR A 472 -5.01 10.91 -26.94
C TYR A 472 -5.55 10.71 -28.36
N GLY A 473 -4.63 10.49 -29.30
CA GLY A 473 -5.01 10.24 -30.68
C GLY A 473 -5.74 8.92 -30.82
N VAL A 474 -5.31 7.91 -30.07
CA VAL A 474 -5.92 6.58 -30.13
C VAL A 474 -7.36 6.65 -29.64
N LEU A 475 -7.57 7.30 -28.50
CA LEU A 475 -8.89 7.35 -27.88
C LEU A 475 -9.88 8.12 -28.74
N LEU A 476 -9.40 9.11 -29.47
CA LEU A 476 -10.24 9.85 -30.41
C LEU A 476 -10.25 9.18 -31.78
N ASN A 477 -9.62 8.01 -31.87
CA ASN A 477 -9.61 7.23 -33.10
C ASN A 477 -8.94 7.98 -34.25
N ASP A 478 -7.84 8.65 -33.95
CA ASP A 478 -7.06 9.37 -34.95
C ASP A 478 -5.61 9.48 -34.50
N PRO A 479 -4.82 8.41 -34.73
CA PRO A 479 -3.43 8.34 -34.26
C PRO A 479 -2.56 9.51 -34.70
N GLN A 480 -2.93 10.15 -35.81
CA GLN A 480 -2.15 11.26 -36.35
C GLN A 480 -2.36 12.53 -35.51
N LEU A 481 -3.49 12.62 -34.83
CA LEU A 481 -3.85 13.79 -34.05
C LEU A 481 -2.99 13.94 -32.80
N LYS A 482 -2.68 15.19 -32.45
CA LYS A 482 -1.94 15.52 -31.22
C LYS A 482 -2.78 16.36 -30.28
N ILE A 483 -2.36 16.42 -29.02
CA ILE A 483 -3.13 17.13 -27.99
C ILE A 483 -3.06 18.65 -28.21
N PRO A 484 -4.23 19.31 -28.27
CA PRO A 484 -4.24 20.77 -28.44
C PRO A 484 -3.96 21.54 -27.14
N VAL A 485 -2.93 22.37 -27.15
CA VAL A 485 -2.57 23.17 -25.98
C VAL A 485 -2.17 24.59 -26.39
N SER A 486 -1.93 25.45 -25.40
CA SER A 486 -1.51 26.82 -25.64
C SER A 486 0.01 26.96 -25.53
N ARG A 487 0.54 28.07 -26.02
CA ARG A 487 1.97 28.34 -25.95
C ARG A 487 2.44 28.44 -24.50
N ARG A 488 1.62 29.05 -23.67
CA ARG A 488 1.96 29.22 -22.25
C ARG A 488 2.00 27.86 -21.54
N PHE A 489 1.08 26.98 -21.92
CA PHE A 489 1.00 25.65 -21.32
C PHE A 489 2.21 24.81 -21.70
N LEU A 490 2.57 24.83 -22.97
CA LEU A 490 3.73 24.11 -23.47
C LEU A 490 5.02 24.63 -22.85
N ASP A 491 5.08 25.95 -22.63
CA ASP A 491 6.21 26.55 -21.93
C ASP A 491 6.17 26.18 -20.46
N LYS A 492 4.97 26.19 -19.89
CA LYS A 492 4.78 25.79 -18.50
C LYS A 492 5.19 24.34 -18.28
N LEU A 493 5.09 23.53 -19.32
CA LEU A 493 5.48 22.12 -19.24
C LEU A 493 7.00 21.98 -19.30
N GLY A 494 7.66 22.99 -19.83
CA GLY A 494 9.12 23.01 -19.88
C GLY A 494 9.69 22.18 -21.01
N LEU A 495 8.86 21.84 -21.98
CA LEU A 495 9.29 21.10 -23.16
C LEU A 495 9.34 22.01 -24.37
N SER A 496 9.51 23.30 -24.13
CA SER A 496 9.59 24.29 -25.20
C SER A 496 10.85 24.09 -26.03
N ARG A 497 11.89 23.58 -25.39
CA ARG A 497 13.17 23.33 -26.07
C ARG A 497 13.23 21.90 -26.62
N SER A 498 12.64 20.97 -25.88
CA SER A 498 12.68 19.56 -26.26
C SER A 498 11.93 19.33 -27.57
N PRO A 499 12.50 18.53 -28.49
CA PRO A 499 11.76 18.20 -29.72
C PRO A 499 10.53 17.34 -29.43
N ILE A 500 10.59 16.59 -28.33
CA ILE A 500 9.51 15.68 -27.96
C ILE A 500 8.21 16.43 -27.71
N GLY A 501 8.32 17.62 -27.13
CA GLY A 501 7.16 18.47 -26.90
C GLY A 501 6.44 18.81 -28.20
N LYS A 502 7.22 19.14 -29.21
CA LYS A 502 6.69 19.41 -30.54
C LYS A 502 6.16 18.12 -31.17
N ALA A 503 6.82 17.01 -30.85
CA ALA A 503 6.42 15.71 -31.39
C ALA A 503 5.15 15.18 -30.71
N MET A 504 4.87 15.66 -29.51
CA MET A 504 3.73 15.13 -28.74
C MET A 504 2.53 16.08 -28.70
N PHE A 505 2.76 17.40 -28.76
CA PHE A 505 1.66 18.37 -28.77
C PHE A 505 1.50 19.13 -30.08
N GLU A 506 0.33 19.74 -30.24
CA GLU A 506 0.03 20.67 -31.34
C GLU A 506 -0.54 21.96 -30.76
N ILE A 507 0.19 23.06 -30.91
CA ILE A 507 -0.29 24.35 -30.40
C ILE A 507 -1.39 24.90 -31.29
N ARG A 508 -2.62 24.87 -30.79
CA ARG A 508 -3.78 25.38 -31.52
C ARG A 508 -4.26 26.70 -30.93
BE BEF C . 1.44 -6.64 3.83
F1 BEF C . 2.84 -6.43 3.25
F2 BEF C . 1.04 -5.41 4.69
F3 BEF C . 0.47 -6.66 2.64
N1 UDP D . -2.66 -14.98 9.39
C2 UDP D . -2.66 -16.30 9.76
N3 UDP D . -2.14 -16.68 10.99
C4 UDP D . -1.62 -15.73 11.84
C5 UDP D . -1.62 -14.39 11.45
C6 UDP D . -1.98 -14.06 10.16
O2 UDP D . -3.13 -17.16 9.01
O4 UDP D . -1.16 -16.06 12.93
C1' UDP D . -3.22 -14.58 8.08
C2' UDP D . -4.70 -14.32 8.26
O2' UDP D . -5.46 -14.95 7.25
C3' UDP D . -4.85 -12.82 8.16
C4' UDP D . -3.62 -12.38 7.40
O4' UDP D . -2.63 -13.38 7.62
O3' UDP D . -6.04 -12.43 7.51
C5' UDP D . -3.13 -11.03 7.88
O5' UDP D . -2.33 -10.43 6.90
PA UDP D . -1.59 -9.07 7.33
O1A UDP D . -2.02 -8.00 6.42
O2A UDP D . -1.96 -8.69 8.73
O3A UDP D . -0.02 -9.39 7.14
PB UDP D . 0.82 -8.48 6.09
O1B UDP D . 0.03 -8.37 4.83
O2B UDP D . 0.97 -7.13 6.68
O3B UDP D . 2.16 -9.06 5.78
HN3 UDP D . -2.08 -17.69 11.23
H5 UDP D . -1.49 -13.61 12.20
H6 UDP D . -1.87 -13.04 9.80
H1' UDP D . -3.07 -15.37 7.35
H2' UDP D . -5.02 -14.66 9.23
HO2' UDP D . -5.92 -14.29 6.71
H3' UDP D . -4.81 -12.39 9.17
H4' UDP D . -3.86 -12.32 6.34
HO3' UDP D . -5.82 -11.96 6.69
H5'1 UDP D . -3.98 -10.39 8.10
H5'2 UDP D . -2.56 -11.15 8.79
MG MG E . 1.04 -4.75 6.78
#